data_3R9G
#
_entry.id   3R9G
#
_cell.length_a   77.976
_cell.length_b   95.075
_cell.length_c   53.159
_cell.angle_alpha   90.000
_cell.angle_beta   90.000
_cell.angle_gamma   90.000
#
_symmetry.space_group_name_H-M   'P 21 21 2'
#
loop_
_entity.id
_entity.type
_entity.pdbx_description
1 polymer 'MccE protein'
2 non-polymer 'COENZYME A'
3 non-polymer "5'-O-[(R)-[(N-acetyl-L-alpha-aspartyl)amino](3-aminopropoxy)phosphoryl]adenosine"
4 water water
#
_entity_poly.entity_id   1
_entity_poly.type   'polypeptide(L)'
_entity_poly.pdbx_seq_one_letter_code
;GSHMRKYDVSLTPSGIKVNDEITLLYPALKYAEELYLLINQNKINFIKSMAWPAFVNNISDSVSFIEQSMIDNQNEKALI
LFIKYKTKIAGVVSFNIIDHANKTAYIGYWLGANFQGKGIVTNAINKLIQEYGDSGVIKRFVIKCIVDNKKSNATALRCG
FTLEGVLQKAEILNGVSYDQNIYSKVIG
;
_entity_poly.pdbx_strand_id   A,B
#
# COMPACT_ATOMS: atom_id res chain seq x y z
N ASP A 8 -10.81 -5.67 16.19
CA ASP A 8 -10.31 -5.06 14.92
C ASP A 8 -11.38 -4.11 14.38
N VAL A 9 -11.18 -2.81 14.62
CA VAL A 9 -12.15 -1.81 14.22
C VAL A 9 -12.29 -1.61 12.70
N SER A 10 -11.36 -2.19 11.93
CA SER A 10 -11.47 -2.10 10.47
C SER A 10 -12.50 -3.08 9.90
N LEU A 11 -12.87 -4.07 10.71
CA LEU A 11 -13.89 -5.05 10.34
C LEU A 11 -15.25 -4.54 10.82
N THR A 12 -15.97 -3.89 9.93
CA THR A 12 -17.26 -3.28 10.25
C THR A 12 -18.40 -4.14 9.71
N PRO A 13 -19.65 -3.91 10.18
CA PRO A 13 -20.79 -4.65 9.64
C PRO A 13 -20.97 -4.52 8.12
N SER A 14 -20.62 -3.37 7.56
CA SER A 14 -20.82 -3.08 6.13
C SER A 14 -19.65 -3.49 5.22
N GLY A 15 -18.48 -3.70 5.81
CA GLY A 15 -17.32 -4.11 5.02
C GLY A 15 -16.01 -3.93 5.72
N ILE A 16 -14.93 -4.08 4.97
CA ILE A 16 -13.59 -4.03 5.51
C ILE A 16 -12.98 -2.68 5.14
N LYS A 17 -12.62 -1.90 6.14
CA LYS A 17 -12.04 -0.59 5.90
C LYS A 17 -10.54 -0.74 5.61
N VAL A 18 -10.15 -0.39 4.38
CA VAL A 18 -8.77 -0.51 3.94
C VAL A 18 -7.96 0.70 4.40
N ASN A 19 -8.49 1.90 4.14
CA ASN A 19 -7.86 3.15 4.54
C ASN A 19 -8.94 4.22 4.59
N ASP A 20 -8.54 5.49 4.70
CA ASP A 20 -9.50 6.60 4.80
C ASP A 20 -10.46 6.70 3.61
N GLU A 21 -10.00 6.27 2.44
CA GLU A 21 -10.74 6.44 1.19
C GLU A 21 -11.37 5.14 0.65
N ILE A 22 -10.89 3.99 1.10
CA ILE A 22 -11.30 2.70 0.50
C ILE A 22 -11.96 1.80 1.54
N THR A 23 -13.17 1.33 1.21
CA THR A 23 -13.85 0.28 1.98
C THR A 23 -14.23 -0.85 1.02
N LEU A 24 -14.04 -2.09 1.46
CA LEU A 24 -14.46 -3.24 0.67
C LEU A 24 -15.82 -3.69 1.19
N LEU A 25 -16.87 -3.39 0.43
CA LEU A 25 -18.25 -3.57 0.89
C LEU A 25 -18.75 -4.99 0.70
N TYR A 26 -19.42 -5.52 1.72
CA TYR A 26 -20.16 -6.76 1.56
C TYR A 26 -21.30 -6.49 0.56
N PRO A 27 -21.51 -7.40 -0.41
CA PRO A 27 -22.54 -7.17 -1.41
C PRO A 27 -23.92 -7.01 -0.81
N ALA A 28 -24.75 -6.21 -1.48
CA ALA A 28 -26.12 -5.94 -1.08
C ALA A 28 -26.83 -5.40 -2.29
N LEU A 29 -28.15 -5.59 -2.32
CA LEU A 29 -28.96 -5.20 -3.47
C LEU A 29 -28.95 -3.69 -3.76
N LYS A 30 -28.73 -2.88 -2.73
CA LYS A 30 -28.69 -1.42 -2.88
C LYS A 30 -27.57 -0.93 -3.81
N TYR A 31 -26.62 -1.82 -4.11
CA TYR A 31 -25.49 -1.47 -4.96
C TYR A 31 -25.73 -1.82 -6.43
N ALA A 32 -26.83 -2.52 -6.73
CA ALA A 32 -27.07 -3.04 -8.08
C ALA A 32 -27.04 -1.96 -9.15
N GLU A 33 -27.73 -0.85 -8.91
CA GLU A 33 -27.81 0.20 -9.91
C GLU A 33 -26.44 0.81 -10.22
N GLU A 34 -25.72 1.19 -9.18
CA GLU A 34 -24.41 1.81 -9.36
C GLU A 34 -23.41 0.85 -10.01
N LEU A 35 -23.43 -0.41 -9.57
CA LEU A 35 -22.55 -1.43 -10.13
C LEU A 35 -22.84 -1.61 -11.62
N TYR A 36 -24.11 -1.75 -11.97
CA TYR A 36 -24.49 -1.89 -13.35
C TYR A 36 -24.01 -0.71 -14.20
N LEU A 37 -24.26 0.50 -13.72
CA LEU A 37 -23.86 1.69 -14.47
C LEU A 37 -22.35 1.75 -14.69
N LEU A 38 -21.59 1.31 -13.69
CA LEU A 38 -20.14 1.30 -13.79
C LEU A 38 -19.66 0.29 -14.83
N ILE A 39 -20.23 -0.92 -14.80
CA ILE A 39 -19.90 -1.94 -15.79
C ILE A 39 -20.23 -1.44 -17.19
N ASN A 40 -21.43 -0.89 -17.34
CA ASN A 40 -21.85 -0.38 -18.63
C ASN A 40 -20.90 0.65 -19.20
N GLN A 41 -20.45 1.57 -18.35
CA GLN A 41 -19.51 2.64 -18.74
C GLN A 41 -18.18 2.07 -19.25
N ASN A 42 -17.81 0.90 -18.74
CA ASN A 42 -16.51 0.29 -19.03
C ASN A 42 -16.55 -0.96 -19.92
N LYS A 43 -17.73 -1.26 -20.49
CA LYS A 43 -17.92 -2.51 -21.23
C LYS A 43 -16.92 -2.70 -22.35
N ILE A 44 -16.71 -1.67 -23.18
CA ILE A 44 -15.80 -1.79 -24.32
C ILE A 44 -14.39 -2.18 -23.89
N ASN A 45 -13.84 -1.47 -22.91
CA ASN A 45 -12.51 -1.78 -22.41
C ASN A 45 -12.45 -3.11 -21.65
N PHE A 46 -13.48 -3.40 -20.87
CA PHE A 46 -13.49 -4.62 -20.04
C PHE A 46 -13.55 -5.91 -20.84
N ILE A 47 -14.23 -5.86 -21.98
CA ILE A 47 -14.36 -7.03 -22.84
C ILE A 47 -12.97 -7.52 -23.31
N LYS A 48 -11.98 -6.63 -23.36
CA LYS A 48 -10.60 -7.00 -23.71
C LYS A 48 -9.89 -7.92 -22.70
N SER A 49 -10.36 -7.95 -21.47
CA SER A 49 -9.65 -8.65 -20.40
C SER A 49 -10.49 -9.64 -19.59
N MET A 50 -11.80 -9.62 -19.77
CA MET A 50 -12.72 -10.48 -19.02
C MET A 50 -13.86 -10.96 -19.91
N ALA A 51 -14.44 -12.12 -19.58
CA ALA A 51 -15.42 -12.78 -20.45
C ALA A 51 -16.88 -12.46 -20.16
N TRP A 52 -17.15 -12.03 -18.94
CA TRP A 52 -18.51 -11.75 -18.48
C TRP A 52 -19.08 -10.38 -18.84
N PRO A 53 -18.24 -9.32 -19.00
CA PRO A 53 -18.85 -8.01 -19.29
C PRO A 53 -19.69 -7.93 -20.56
N ALA A 54 -19.35 -8.75 -21.57
CA ALA A 54 -20.07 -8.72 -22.84
C ALA A 54 -21.57 -8.99 -22.67
N PHE A 55 -21.91 -9.68 -21.58
CA PHE A 55 -23.27 -10.18 -21.35
C PHE A 55 -24.03 -9.42 -20.26
N VAL A 56 -23.45 -8.35 -19.74
CA VAL A 56 -24.13 -7.50 -18.74
C VAL A 56 -24.93 -6.43 -19.47
N ASN A 57 -26.21 -6.71 -19.66
CA ASN A 57 -27.03 -5.88 -20.54
C ASN A 57 -28.13 -5.08 -19.88
N ASN A 58 -28.40 -5.38 -18.62
CA ASN A 58 -29.46 -4.71 -17.86
C ASN A 58 -29.12 -4.80 -16.39
N ILE A 59 -29.68 -3.89 -15.60
CA ILE A 59 -29.55 -3.92 -14.15
C ILE A 59 -29.88 -5.29 -13.53
N SER A 60 -30.84 -6.02 -14.12
CA SER A 60 -31.20 -7.36 -13.65
C SER A 60 -30.03 -8.32 -13.64
N ASP A 61 -29.07 -8.14 -14.55
CA ASP A 61 -27.88 -8.97 -14.59
C ASP A 61 -26.99 -8.72 -13.37
N SER A 62 -26.90 -7.46 -12.95
CA SER A 62 -26.15 -7.10 -11.75
C SER A 62 -26.88 -7.54 -10.47
N VAL A 63 -28.21 -7.45 -10.48
CA VAL A 63 -29.00 -8.02 -9.38
C VAL A 63 -28.70 -9.52 -9.23
N SER A 64 -28.72 -10.27 -10.32
CA SER A 64 -28.44 -11.70 -10.28
C SER A 64 -27.05 -12.01 -9.76
N PHE A 65 -26.06 -11.24 -10.23
CA PHE A 65 -24.69 -11.37 -9.75
C PHE A 65 -24.58 -11.12 -8.25
N ILE A 66 -25.26 -10.08 -7.76
CA ILE A 66 -25.26 -9.78 -6.33
C ILE A 66 -25.89 -10.92 -5.53
N GLU A 67 -27.02 -11.43 -6.01
CA GLU A 67 -27.70 -12.53 -5.31
C GLU A 67 -26.81 -13.77 -5.21
N GLN A 68 -26.17 -14.16 -6.30
CA GLN A 68 -25.27 -15.31 -6.28
C GLN A 68 -24.04 -15.06 -5.39
N SER A 69 -23.51 -13.84 -5.44
CA SER A 69 -22.33 -13.48 -4.65
C SER A 69 -22.63 -13.57 -3.15
N MET A 70 -23.82 -13.14 -2.75
CA MET A 70 -24.24 -13.22 -1.36
C MET A 70 -24.37 -14.66 -0.89
N ILE A 71 -24.89 -15.54 -1.75
CA ILE A 71 -24.97 -16.97 -1.43
C ILE A 71 -23.55 -17.56 -1.26
N ASP A 72 -22.67 -17.26 -2.21
CA ASP A 72 -21.31 -17.79 -2.13
C ASP A 72 -20.55 -17.24 -0.92
N ASN A 73 -20.74 -15.95 -0.61
CA ASN A 73 -20.13 -15.36 0.57
C ASN A 73 -20.61 -16.03 1.86
N GLN A 74 -21.91 -16.22 1.98
CA GLN A 74 -22.53 -16.86 3.16
C GLN A 74 -21.87 -18.21 3.46
N ASN A 75 -21.59 -18.96 2.41
CA ASN A 75 -21.10 -20.33 2.52
C ASN A 75 -19.59 -20.46 2.40
N GLU A 76 -18.91 -19.31 2.32
CA GLU A 76 -17.45 -19.24 2.20
C GLU A 76 -16.88 -20.04 1.02
N LYS A 77 -17.65 -20.10 -0.07
CA LYS A 77 -17.19 -20.68 -1.33
C LYS A 77 -16.31 -19.65 -2.04
N ALA A 78 -16.61 -18.39 -1.77
CA ALA A 78 -15.94 -17.25 -2.36
C ALA A 78 -16.03 -16.09 -1.40
N LEU A 79 -15.33 -15.01 -1.72
CA LEU A 79 -15.49 -13.76 -1.01
C LEU A 79 -15.52 -12.64 -2.04
N ILE A 80 -16.72 -12.16 -2.35
CA ILE A 80 -16.91 -11.10 -3.33
C ILE A 80 -17.15 -9.79 -2.60
N LEU A 81 -16.36 -8.78 -2.92
CA LEU A 81 -16.45 -7.48 -2.26
C LEU A 81 -16.54 -6.35 -3.28
N PHE A 82 -17.35 -5.34 -2.98
CA PHE A 82 -17.44 -4.20 -3.89
C PHE A 82 -16.58 -3.08 -3.35
N ILE A 83 -15.66 -2.60 -4.19
CA ILE A 83 -14.72 -1.58 -3.75
C ILE A 83 -15.37 -0.21 -3.76
N LYS A 84 -15.39 0.44 -2.60
CA LYS A 84 -15.89 1.81 -2.51
C LYS A 84 -14.70 2.73 -2.32
N TYR A 85 -14.57 3.68 -3.24
CA TYR A 85 -13.51 4.67 -3.19
C TYR A 85 -14.18 6.02 -3.06
N LYS A 86 -13.89 6.72 -1.96
CA LYS A 86 -14.62 7.94 -1.60
C LYS A 86 -16.12 7.62 -1.58
N THR A 87 -16.92 8.29 -2.41
CA THR A 87 -18.37 8.06 -2.39
C THR A 87 -18.86 7.04 -3.42
N LYS A 88 -17.96 6.51 -4.23
CA LYS A 88 -18.37 5.72 -5.40
C LYS A 88 -17.95 4.25 -5.35
N ILE A 89 -18.76 3.37 -5.91
CA ILE A 89 -18.29 2.03 -6.23
C ILE A 89 -17.26 2.14 -7.36
N ALA A 90 -16.08 1.58 -7.13
CA ALA A 90 -14.94 1.68 -8.05
C ALA A 90 -14.68 0.40 -8.84
N GLY A 91 -15.19 -0.71 -8.34
CA GLY A 91 -14.93 -2.02 -8.93
C GLY A 91 -15.18 -3.12 -7.95
N VAL A 92 -14.55 -4.27 -8.20
CA VAL A 92 -14.79 -5.47 -7.42
C VAL A 92 -13.44 -6.11 -7.09
N VAL A 93 -13.29 -6.63 -5.88
CA VAL A 93 -12.15 -7.49 -5.56
C VAL A 93 -12.71 -8.75 -4.90
N SER A 94 -12.10 -9.89 -5.19
CA SER A 94 -12.65 -11.14 -4.72
C SER A 94 -11.62 -12.20 -4.37
N PHE A 95 -12.01 -13.11 -3.49
CA PHE A 95 -11.51 -14.46 -3.55
C PHE A 95 -12.53 -15.20 -4.44
N ASN A 96 -12.16 -15.45 -5.71
CA ASN A 96 -13.07 -16.16 -6.63
C ASN A 96 -13.42 -17.54 -6.08
N ILE A 97 -12.42 -18.16 -5.46
CA ILE A 97 -12.54 -19.49 -4.89
C ILE A 97 -11.78 -19.49 -3.58
N ILE A 98 -12.40 -20.02 -2.54
CA ILE A 98 -11.72 -20.31 -1.29
C ILE A 98 -11.67 -21.82 -1.14
N ASP A 99 -10.46 -22.36 -1.05
CA ASP A 99 -10.24 -23.78 -0.83
C ASP A 99 -9.78 -23.95 0.61
N HIS A 100 -10.73 -24.21 1.52
CA HIS A 100 -10.39 -24.27 2.94
C HIS A 100 -9.49 -25.44 3.27
N ALA A 101 -9.72 -26.59 2.61
CA ALA A 101 -8.94 -27.80 2.89
C ALA A 101 -7.45 -27.54 2.70
N ASN A 102 -7.12 -26.73 1.70
CA ASN A 102 -5.73 -26.41 1.38
C ASN A 102 -5.35 -24.99 1.76
N LYS A 103 -6.23 -24.31 2.51
CA LYS A 103 -6.02 -22.93 2.97
C LYS A 103 -5.50 -22.02 1.85
N THR A 104 -6.20 -22.06 0.72
CA THR A 104 -5.78 -21.34 -0.49
C THR A 104 -6.93 -20.48 -1.01
N ALA A 105 -6.61 -19.26 -1.43
CA ALA A 105 -7.60 -18.35 -2.02
C ALA A 105 -7.09 -17.85 -3.37
N TYR A 106 -7.99 -17.82 -4.35
CA TYR A 106 -7.70 -17.36 -5.71
C TYR A 106 -8.35 -16.00 -5.88
N ILE A 107 -7.55 -15.00 -6.26
CA ILE A 107 -7.97 -13.59 -6.25
C ILE A 107 -8.38 -13.09 -7.63
N GLY A 108 -9.46 -12.31 -7.66
CA GLY A 108 -9.89 -11.61 -8.87
C GLY A 108 -10.11 -10.13 -8.61
N TYR A 109 -10.09 -9.31 -9.65
CA TYR A 109 -10.32 -7.88 -9.46
C TYR A 109 -10.61 -7.14 -10.76
N TRP A 110 -11.31 -6.02 -10.63
CA TRP A 110 -11.41 -5.03 -11.70
C TRP A 110 -11.72 -3.64 -11.12
N LEU A 111 -11.33 -2.62 -11.89
CA LEU A 111 -11.64 -1.22 -11.58
C LEU A 111 -12.15 -0.51 -12.82
N GLY A 112 -13.14 0.36 -12.64
CA GLY A 112 -13.52 1.26 -13.73
C GLY A 112 -12.33 2.11 -14.13
N ALA A 113 -12.31 2.55 -15.40
CA ALA A 113 -11.21 3.36 -15.94
C ALA A 113 -10.89 4.58 -15.08
N ASN A 114 -11.92 5.24 -14.57
CA ASN A 114 -11.73 6.47 -13.78
C ASN A 114 -11.14 6.22 -12.41
N PHE A 115 -10.99 4.94 -12.05
CA PHE A 115 -10.48 4.56 -10.74
C PHE A 115 -9.11 3.89 -10.81
N GLN A 116 -8.62 3.70 -12.03
CA GLN A 116 -7.31 3.10 -12.25
C GLN A 116 -6.19 4.12 -12.03
N GLY A 117 -5.01 3.65 -11.67
CA GLY A 117 -3.87 4.53 -11.45
C GLY A 117 -3.83 5.16 -10.06
N LYS A 118 -4.58 4.58 -9.13
CA LYS A 118 -4.72 5.13 -7.79
C LYS A 118 -4.30 4.17 -6.68
N GLY A 119 -3.74 3.02 -7.06
CA GLY A 119 -3.34 2.00 -6.10
C GLY A 119 -4.48 1.32 -5.36
N ILE A 120 -5.69 1.43 -5.88
CA ILE A 120 -6.86 0.94 -5.14
C ILE A 120 -6.86 -0.58 -4.97
N VAL A 121 -6.56 -1.32 -6.04
CA VAL A 121 -6.57 -2.78 -5.95
C VAL A 121 -5.36 -3.29 -5.15
N THR A 122 -4.19 -2.69 -5.35
CA THR A 122 -3.04 -3.06 -4.53
C THR A 122 -3.34 -2.88 -3.04
N ASN A 123 -3.94 -1.75 -2.65
CA ASN A 123 -4.29 -1.52 -1.25
C ASN A 123 -5.32 -2.54 -0.77
N ALA A 124 -6.31 -2.83 -1.61
CA ALA A 124 -7.34 -3.82 -1.26
C ALA A 124 -6.75 -5.20 -1.04
N ILE A 125 -5.89 -5.65 -1.95
CA ILE A 125 -5.28 -6.97 -1.83
C ILE A 125 -4.40 -7.07 -0.58
N ASN A 126 -3.59 -6.05 -0.33
CA ASN A 126 -2.75 -6.04 0.86
C ASN A 126 -3.59 -6.19 2.12
N LYS A 127 -4.73 -5.50 2.16
CA LYS A 127 -5.60 -5.58 3.33
C LYS A 127 -6.20 -6.98 3.50
N LEU A 128 -6.64 -7.59 2.40
CA LEU A 128 -7.20 -8.94 2.46
C LEU A 128 -6.18 -9.97 2.90
N ILE A 129 -4.94 -9.82 2.44
CA ILE A 129 -3.88 -10.74 2.82
C ILE A 129 -3.50 -10.59 4.29
N GLN A 130 -3.51 -9.36 4.80
CA GLN A 130 -3.30 -9.14 6.24
C GLN A 130 -4.41 -9.83 7.02
N GLU A 131 -5.66 -9.57 6.64
CA GLU A 131 -6.80 -10.05 7.41
C GLU A 131 -6.95 -11.57 7.40
N TYR A 132 -6.80 -12.19 6.23
CA TYR A 132 -6.99 -13.64 6.10
C TYR A 132 -5.70 -14.43 6.25
N GLY A 133 -4.57 -13.79 5.93
CA GLY A 133 -3.27 -14.48 5.90
C GLY A 133 -2.56 -14.47 7.24
N ASP A 134 -2.48 -13.30 7.85
CA ASP A 134 -1.79 -13.16 9.13
C ASP A 134 -2.60 -13.74 10.30
N SER A 135 -3.88 -14.02 10.03
CA SER A 135 -4.77 -14.70 10.97
C SER A 135 -4.77 -16.23 10.85
N GLY A 136 -4.13 -16.75 9.80
CA GLY A 136 -4.00 -18.20 9.61
C GLY A 136 -5.12 -18.93 8.88
N VAL A 137 -6.13 -18.19 8.42
CA VAL A 137 -7.23 -18.78 7.64
C VAL A 137 -6.75 -19.24 6.25
N ILE A 138 -5.98 -18.36 5.60
CA ILE A 138 -5.42 -18.64 4.29
C ILE A 138 -3.90 -18.59 4.38
N LYS A 139 -3.27 -19.63 3.85
CA LYS A 139 -1.82 -19.80 3.80
C LYS A 139 -1.25 -19.39 2.44
N ARG A 140 -2.03 -19.59 1.38
CA ARG A 140 -1.56 -19.41 0.02
C ARG A 140 -2.59 -18.57 -0.74
N PHE A 141 -2.12 -17.44 -1.29
CA PHE A 141 -2.92 -16.57 -2.14
C PHE A 141 -2.43 -16.67 -3.56
N VAL A 142 -3.36 -16.71 -4.52
CA VAL A 142 -3.01 -16.95 -5.92
C VAL A 142 -3.65 -15.91 -6.81
N ILE A 143 -2.86 -15.36 -7.72
CA ILE A 143 -3.38 -14.54 -8.82
C ILE A 143 -3.02 -15.18 -10.14
N LYS A 144 -4.03 -15.43 -10.97
CA LYS A 144 -3.84 -15.89 -12.35
C LYS A 144 -4.24 -14.78 -13.28
N CYS A 145 -3.39 -14.49 -14.25
CA CYS A 145 -3.75 -13.47 -15.24
C CYS A 145 -3.09 -13.69 -16.59
N ILE A 146 -3.83 -13.36 -17.63
CA ILE A 146 -3.36 -13.55 -18.98
C ILE A 146 -2.00 -12.85 -19.15
N VAL A 147 -1.09 -13.53 -19.83
CA VAL A 147 0.30 -13.09 -19.93
C VAL A 147 0.44 -11.66 -20.46
N ASP A 148 -0.40 -11.31 -21.43
CA ASP A 148 -0.37 -9.98 -22.05
C ASP A 148 -1.20 -8.90 -21.35
N ASN A 149 -1.81 -9.22 -20.21
CA ASN A 149 -2.54 -8.23 -19.43
C ASN A 149 -1.55 -7.44 -18.58
N LYS A 150 -1.04 -6.35 -19.14
CA LYS A 150 0.06 -5.60 -18.55
C LYS A 150 -0.26 -5.11 -17.14
N LYS A 151 -1.42 -4.47 -16.98
CA LYS A 151 -1.77 -3.88 -15.69
C LYS A 151 -2.02 -4.93 -14.61
N SER A 152 -2.62 -6.06 -14.97
CA SER A 152 -2.90 -7.08 -13.95
C SER A 152 -1.62 -7.75 -13.45
N ASN A 153 -0.69 -8.04 -14.38
CA ASN A 153 0.62 -8.56 -14.00
C ASN A 153 1.37 -7.58 -13.11
N ALA A 154 1.31 -6.29 -13.44
CA ALA A 154 1.97 -5.28 -12.61
C ALA A 154 1.39 -5.24 -11.19
N THR A 155 0.06 -5.37 -11.08
CA THR A 155 -0.60 -5.41 -9.78
C THR A 155 -0.12 -6.61 -8.93
N ALA A 156 -0.06 -7.80 -9.55
CA ALA A 156 0.39 -8.99 -8.84
C ALA A 156 1.79 -8.76 -8.25
N LEU A 157 2.70 -8.24 -9.07
CA LEU A 157 4.06 -7.97 -8.61
C LEU A 157 4.13 -6.86 -7.55
N ARG A 158 3.32 -5.82 -7.73
CA ARG A 158 3.24 -4.69 -6.78
C ARG A 158 2.79 -5.17 -5.38
N CYS A 159 1.98 -6.23 -5.35
CA CYS A 159 1.50 -6.81 -4.10
C CYS A 159 2.46 -7.86 -3.51
N GLY A 160 3.63 -8.01 -4.11
CA GLY A 160 4.66 -8.89 -3.56
C GLY A 160 4.43 -10.38 -3.85
N PHE A 161 3.67 -10.67 -4.90
CA PHE A 161 3.49 -12.05 -5.36
C PHE A 161 4.69 -12.48 -6.19
N THR A 162 4.93 -13.79 -6.25
CA THR A 162 6.03 -14.39 -7.01
C THR A 162 5.46 -15.20 -8.17
N LEU A 163 6.04 -15.04 -9.35
CA LEU A 163 5.66 -15.86 -10.51
C LEU A 163 6.06 -17.32 -10.30
N GLU A 164 5.09 -18.22 -10.42
CA GLU A 164 5.35 -19.66 -10.29
C GLU A 164 5.48 -20.37 -11.65
N GLY A 165 4.82 -19.85 -12.67
CA GLY A 165 4.90 -20.45 -14.00
C GLY A 165 3.84 -19.90 -14.92
N VAL A 166 3.75 -20.53 -16.10
CA VAL A 166 2.81 -20.15 -17.14
C VAL A 166 1.87 -21.32 -17.38
N LEU A 167 0.58 -21.04 -17.25
CA LEU A 167 -0.47 -22.02 -17.51
C LEU A 167 -0.88 -21.89 -18.97
N GLN A 168 -0.54 -22.88 -19.77
CA GLN A 168 -0.77 -22.86 -21.21
C GLN A 168 -2.24 -22.90 -21.55
N LYS A 169 -2.68 -21.91 -22.33
CA LYS A 169 -4.04 -21.92 -22.90
C LYS A 169 -5.13 -22.13 -21.84
N ALA A 170 -5.00 -21.39 -20.75
CA ALA A 170 -5.81 -21.60 -19.55
C ALA A 170 -7.02 -20.70 -19.41
N GLU A 171 -7.07 -19.61 -20.18
CA GLU A 171 -8.19 -18.69 -20.06
C GLU A 171 -8.78 -18.37 -21.42
N ILE A 172 -10.08 -18.58 -21.59
CA ILE A 172 -10.75 -18.36 -22.85
C ILE A 172 -11.60 -17.10 -22.82
N LEU A 173 -11.32 -16.20 -23.77
CA LEU A 173 -12.12 -15.00 -23.97
C LEU A 173 -12.61 -15.03 -25.41
N ASN A 174 -13.94 -14.99 -25.58
CA ASN A 174 -14.54 -14.97 -26.90
C ASN A 174 -14.02 -16.10 -27.78
N GLY A 175 -13.97 -17.30 -27.21
CA GLY A 175 -13.55 -18.51 -27.95
C GLY A 175 -12.06 -18.64 -28.25
N VAL A 176 -11.25 -17.71 -27.73
CA VAL A 176 -9.80 -17.70 -27.95
C VAL A 176 -9.11 -18.05 -26.63
N SER A 177 -8.19 -19.02 -26.68
CA SER A 177 -7.43 -19.44 -25.49
C SER A 177 -6.16 -18.62 -25.31
N TYR A 178 -5.87 -18.23 -24.08
CA TYR A 178 -4.71 -17.42 -23.75
C TYR A 178 -3.94 -18.06 -22.60
N ASP A 179 -2.62 -17.92 -22.64
CA ASP A 179 -1.78 -18.36 -21.52
C ASP A 179 -1.97 -17.42 -20.33
N GLN A 180 -1.88 -17.98 -19.13
CA GLN A 180 -1.90 -17.20 -17.88
C GLN A 180 -0.59 -17.33 -17.14
N ASN A 181 -0.12 -16.22 -16.58
CA ASN A 181 0.85 -16.29 -15.50
C ASN A 181 0.14 -16.67 -14.21
N ILE A 182 0.74 -17.56 -13.43
CA ILE A 182 0.26 -17.86 -12.08
C ILE A 182 1.27 -17.35 -11.05
N TYR A 183 0.76 -16.51 -10.16
CA TYR A 183 1.54 -15.87 -9.09
C TYR A 183 1.02 -16.34 -7.74
N SER A 184 1.90 -16.42 -6.75
CA SER A 184 1.46 -16.72 -5.40
C SER A 184 2.11 -15.82 -4.37
N LYS A 185 1.43 -15.71 -3.23
CA LYS A 185 2.04 -15.14 -2.03
C LYS A 185 1.67 -16.10 -0.90
N VAL A 186 2.71 -16.61 -0.24
CA VAL A 186 2.55 -17.63 0.79
C VAL A 186 2.90 -17.04 2.16
N ILE A 187 2.07 -17.33 3.16
CA ILE A 187 2.30 -16.85 4.52
C ILE A 187 3.15 -17.83 5.32
N GLY B 15 24.45 6.45 -3.22
CA GLY B 15 23.22 6.13 -2.45
C GLY B 15 22.57 4.85 -2.91
N ILE B 16 21.32 4.66 -2.51
CA ILE B 16 20.54 3.49 -2.86
C ILE B 16 19.52 3.92 -3.91
N LYS B 17 19.61 3.35 -5.11
CA LYS B 17 18.66 3.66 -6.16
C LYS B 17 17.31 2.97 -5.93
N VAL B 18 16.25 3.76 -5.98
CA VAL B 18 14.89 3.24 -5.83
C VAL B 18 14.27 2.98 -7.21
N ASN B 19 14.34 3.98 -8.08
CA ASN B 19 13.91 3.86 -9.47
C ASN B 19 14.59 4.97 -10.26
N ASP B 20 14.18 5.18 -11.51
CA ASP B 20 14.83 6.20 -12.34
C ASP B 20 14.58 7.63 -11.90
N GLU B 21 13.63 7.82 -10.99
CA GLU B 21 13.30 9.14 -10.46
C GLU B 21 13.84 9.38 -9.04
N ILE B 22 14.11 8.31 -8.29
CA ILE B 22 14.43 8.44 -6.87
C ILE B 22 15.71 7.70 -6.51
N THR B 23 16.62 8.41 -5.85
CA THR B 23 17.79 7.80 -5.21
C THR B 23 17.84 8.29 -3.76
N LEU B 24 18.17 7.39 -2.83
CA LEU B 24 18.30 7.72 -1.42
C LEU B 24 19.78 7.95 -1.14
N LEU B 25 20.15 9.22 -0.95
CA LEU B 25 21.55 9.61 -0.82
C LEU B 25 22.07 9.44 0.59
N TYR B 26 23.28 8.89 0.69
CA TYR B 26 24.04 8.95 1.93
C TYR B 26 24.29 10.43 2.27
N PRO B 27 24.08 10.84 3.53
CA PRO B 27 24.28 12.25 3.88
C PRO B 27 25.69 12.74 3.57
N ALA B 28 25.76 13.98 3.12
CA ALA B 28 27.03 14.64 2.79
C ALA B 28 26.81 16.14 2.95
N LEU B 29 27.86 16.86 3.34
CA LEU B 29 27.79 18.29 3.65
C LEU B 29 27.36 19.17 2.49
N LYS B 30 27.59 18.72 1.26
CA LYS B 30 27.21 19.49 0.09
C LYS B 30 25.70 19.63 -0.09
N TYR B 31 24.92 18.89 0.70
CA TYR B 31 23.45 18.99 0.65
C TYR B 31 22.87 19.92 1.71
N ALA B 32 23.74 20.51 2.54
CA ALA B 32 23.30 21.33 3.68
C ALA B 32 22.37 22.48 3.31
N GLU B 33 22.79 23.29 2.34
CA GLU B 33 22.00 24.45 1.92
C GLU B 33 20.64 24.02 1.35
N GLU B 34 20.64 23.05 0.44
CA GLU B 34 19.40 22.59 -0.17
C GLU B 34 18.45 22.01 0.89
N LEU B 35 18.99 21.26 1.84
CA LEU B 35 18.17 20.69 2.92
C LEU B 35 17.59 21.79 3.81
N TYR B 36 18.45 22.72 4.23
CA TYR B 36 18.04 23.83 5.05
C TYR B 36 16.92 24.66 4.40
N LEU B 37 17.09 24.99 3.12
CA LEU B 37 16.09 25.81 2.43
C LEU B 37 14.75 25.09 2.31
N LEU B 38 14.82 23.79 2.09
CA LEU B 38 13.63 22.96 1.98
C LEU B 38 12.87 22.92 3.31
N ILE B 39 13.61 22.72 4.39
CA ILE B 39 13.01 22.77 5.73
C ILE B 39 12.34 24.14 5.98
N ASN B 40 13.05 25.21 5.64
CA ASN B 40 12.51 26.57 5.79
C ASN B 40 11.19 26.82 5.07
N GLN B 41 11.12 26.40 3.80
CA GLN B 41 9.90 26.56 3.01
C GLN B 41 8.71 25.87 3.66
N ASN B 42 8.97 24.80 4.40
CA ASN B 42 7.95 23.93 4.95
C ASN B 42 7.74 24.09 6.45
N LYS B 43 8.47 25.03 7.04
CA LYS B 43 8.66 25.13 8.48
C LYS B 43 7.34 25.21 9.26
N ILE B 44 6.48 26.15 8.87
CA ILE B 44 5.25 26.36 9.62
C ILE B 44 4.30 25.16 9.50
N ASN B 45 4.22 24.55 8.32
CA ASN B 45 3.43 23.32 8.20
C ASN B 45 4.04 22.15 8.96
N PHE B 46 5.37 22.08 8.99
CA PHE B 46 6.08 21.00 9.71
C PHE B 46 5.95 21.10 11.22
N ILE B 47 5.78 22.32 11.73
CA ILE B 47 5.57 22.55 13.17
C ILE B 47 4.34 21.78 13.66
N LYS B 48 3.41 21.50 12.75
CA LYS B 48 2.18 20.77 13.05
C LYS B 48 2.39 19.24 13.24
N SER B 49 3.50 18.71 12.75
CA SER B 49 3.71 17.25 12.72
C SER B 49 5.02 16.77 13.34
N MET B 50 6.00 17.66 13.49
CA MET B 50 7.34 17.30 13.99
C MET B 50 7.86 18.38 14.91
N ALA B 51 8.70 17.99 15.87
CA ALA B 51 9.21 18.92 16.90
C ALA B 51 10.48 19.66 16.50
N TRP B 52 11.37 18.96 15.78
CA TRP B 52 12.68 19.51 15.45
C TRP B 52 12.72 20.70 14.47
N PRO B 53 11.72 20.83 13.54
CA PRO B 53 11.87 21.92 12.58
C PRO B 53 11.93 23.32 13.18
N ALA B 54 11.31 23.51 14.34
CA ALA B 54 11.27 24.81 15.01
C ALA B 54 12.66 25.34 15.33
N PHE B 55 13.62 24.43 15.44
CA PHE B 55 14.98 24.75 15.88
C PHE B 55 16.02 24.70 14.76
N VAL B 56 15.55 24.56 13.52
CA VAL B 56 16.45 24.63 12.37
C VAL B 56 16.45 26.09 11.88
N ASN B 57 17.35 26.88 12.44
CA ASN B 57 17.35 28.33 12.23
C ASN B 57 18.39 28.80 11.25
N ASN B 58 19.53 28.13 11.24
CA ASN B 58 20.68 28.51 10.41
C ASN B 58 21.13 27.32 9.58
N ILE B 59 21.80 27.60 8.46
CA ILE B 59 22.38 26.53 7.63
C ILE B 59 23.32 25.65 8.46
N SER B 60 23.99 26.26 9.44
CA SER B 60 24.86 25.53 10.37
C SER B 60 24.13 24.45 11.18
N ASP B 61 22.82 24.63 11.37
CA ASP B 61 22.00 23.61 12.03
C ASP B 61 21.83 22.37 11.15
N SER B 62 21.66 22.58 9.85
CA SER B 62 21.60 21.46 8.91
C SER B 62 22.96 20.79 8.76
N VAL B 63 24.03 21.59 8.82
CA VAL B 63 25.39 21.06 8.82
C VAL B 63 25.61 20.11 10.01
N SER B 64 25.20 20.56 11.19
CA SER B 64 25.27 19.77 12.42
C SER B 64 24.48 18.45 12.30
N PHE B 65 23.28 18.53 11.74
CA PHE B 65 22.45 17.34 11.53
C PHE B 65 23.12 16.34 10.58
N ILE B 66 23.66 16.85 9.47
CA ILE B 66 24.38 16.02 8.51
C ILE B 66 25.60 15.36 9.16
N GLU B 67 26.38 16.14 9.90
CA GLU B 67 27.57 15.63 10.59
C GLU B 67 27.20 14.49 11.54
N GLN B 68 26.16 14.69 12.34
CA GLN B 68 25.72 13.67 13.29
C GLN B 68 25.16 12.43 12.59
N SER B 69 24.42 12.64 11.50
CA SER B 69 23.82 11.54 10.74
C SER B 69 24.87 10.66 10.07
N MET B 70 25.97 11.26 9.64
CA MET B 70 27.07 10.51 9.04
C MET B 70 27.70 9.58 10.07
N ILE B 71 27.88 10.09 11.29
CA ILE B 71 28.38 9.30 12.42
C ILE B 71 27.39 8.18 12.78
N ASP B 72 26.12 8.55 12.90
CA ASP B 72 25.06 7.58 13.22
C ASP B 72 24.98 6.44 12.19
N ASN B 73 25.12 6.78 10.90
CA ASN B 73 25.09 5.78 9.83
C ASN B 73 26.26 4.80 9.95
N GLN B 74 27.43 5.35 10.25
CA GLN B 74 28.66 4.57 10.45
C GLN B 74 28.51 3.58 11.61
N ASN B 75 27.90 4.04 12.70
CA ASN B 75 27.72 3.23 13.91
C ASN B 75 26.60 2.20 13.81
N GLU B 76 25.78 2.33 12.76
CA GLU B 76 24.73 1.35 12.41
C GLU B 76 23.56 1.22 13.41
N LYS B 77 23.42 2.17 14.34
CA LYS B 77 22.27 2.17 15.24
C LYS B 77 21.12 3.03 14.67
N ALA B 78 21.38 3.65 13.53
CA ALA B 78 20.37 4.39 12.76
C ALA B 78 20.76 4.41 11.30
N LEU B 79 19.81 4.76 10.44
CA LEU B 79 20.08 4.98 9.03
C LEU B 79 19.36 6.24 8.61
N ILE B 80 20.10 7.23 8.14
CA ILE B 80 19.52 8.51 7.70
C ILE B 80 19.88 8.68 6.22
N LEU B 81 18.88 8.87 5.37
CA LEU B 81 19.11 9.07 3.94
C LEU B 81 18.35 10.29 3.42
N PHE B 82 18.95 10.99 2.46
CA PHE B 82 18.33 12.16 1.87
C PHE B 82 17.71 11.76 0.55
N ILE B 83 16.41 11.98 0.42
CA ILE B 83 15.69 11.60 -0.78
C ILE B 83 16.00 12.57 -1.92
N LYS B 84 16.50 12.06 -3.04
CA LYS B 84 16.70 12.88 -4.23
C LYS B 84 15.72 12.46 -5.31
N TYR B 85 14.86 13.40 -5.70
CA TYR B 85 13.81 13.13 -6.67
C TYR B 85 13.96 14.06 -7.87
N LYS B 86 14.18 13.47 -9.03
CA LYS B 86 14.30 14.21 -10.29
C LYS B 86 15.27 15.40 -10.14
N THR B 87 16.43 15.09 -9.57
CA THR B 87 17.57 16.02 -9.34
C THR B 87 17.50 16.90 -8.09
N LYS B 88 16.39 16.88 -7.38
CA LYS B 88 16.19 17.77 -6.23
C LYS B 88 16.10 17.02 -4.92
N ILE B 89 16.66 17.59 -3.86
CA ILE B 89 16.44 17.04 -2.54
C ILE B 89 14.97 17.25 -2.17
N ALA B 90 14.32 16.15 -1.82
CA ALA B 90 12.88 16.11 -1.61
C ALA B 90 12.48 15.94 -0.15
N GLY B 91 13.39 15.45 0.67
CA GLY B 91 13.09 15.12 2.06
C GLY B 91 14.05 14.10 2.61
N VAL B 92 13.62 13.41 3.66
CA VAL B 92 14.47 12.49 4.42
C VAL B 92 13.67 11.22 4.72
N VAL B 93 14.33 10.07 4.64
CA VAL B 93 13.74 8.83 5.12
C VAL B 93 14.79 8.17 6.01
N SER B 94 14.34 7.53 7.09
CA SER B 94 15.28 6.99 8.06
C SER B 94 14.82 5.72 8.73
N PHE B 95 15.80 4.96 9.22
CA PHE B 95 15.56 4.14 10.38
C PHE B 95 16.05 4.97 11.56
N ASN B 96 15.11 5.55 12.29
CA ASN B 96 15.48 6.36 13.48
C ASN B 96 16.29 5.55 14.47
N ILE B 97 15.88 4.31 14.66
CA ILE B 97 16.53 3.36 15.56
C ILE B 97 16.63 2.03 14.82
N ILE B 98 17.81 1.42 14.86
CA ILE B 98 17.99 0.03 14.44
C ILE B 98 18.32 -0.79 15.68
N ASP B 99 17.42 -1.72 15.99
CA ASP B 99 17.57 -2.62 17.12
C ASP B 99 18.04 -3.94 16.55
N HIS B 100 19.35 -4.11 16.51
CA HIS B 100 19.93 -5.30 15.88
C HIS B 100 19.54 -6.59 16.58
N ALA B 101 19.55 -6.60 17.91
CA ALA B 101 19.25 -7.81 18.65
C ALA B 101 17.85 -8.36 18.31
N ASN B 102 16.89 -7.47 18.12
CA ASN B 102 15.51 -7.85 17.80
C ASN B 102 15.20 -7.71 16.30
N LYS B 103 16.23 -7.47 15.51
CA LYS B 103 16.10 -7.30 14.05
C LYS B 103 14.92 -6.39 13.70
N THR B 104 14.88 -5.22 14.36
CA THR B 104 13.76 -4.29 14.25
C THR B 104 14.26 -2.90 13.85
N ALA B 105 13.56 -2.27 12.91
CA ALA B 105 13.87 -0.89 12.52
C ALA B 105 12.63 -0.02 12.67
N TYR B 106 12.83 1.18 13.23
CA TYR B 106 11.78 2.17 13.44
C TYR B 106 11.96 3.27 12.39
N ILE B 107 10.94 3.47 11.57
CA ILE B 107 11.04 4.34 10.39
C ILE B 107 10.56 5.77 10.65
N GLY B 108 11.29 6.73 10.09
CA GLY B 108 10.87 8.13 10.07
C GLY B 108 10.89 8.68 8.64
N TYR B 109 10.13 9.74 8.38
CA TYR B 109 10.13 10.34 7.05
C TYR B 109 9.54 11.72 7.04
N TRP B 110 9.95 12.51 6.05
CA TRP B 110 9.27 13.74 5.68
C TRP B 110 9.57 14.09 4.24
N LEU B 111 8.62 14.79 3.61
CA LEU B 111 8.82 15.34 2.27
C LEU B 111 8.43 16.80 2.27
N GLY B 112 9.19 17.62 1.54
CA GLY B 112 8.73 18.99 1.27
C GLY B 112 7.41 18.93 0.52
N ALA B 113 6.55 19.93 0.74
CA ALA B 113 5.23 19.96 0.12
C ALA B 113 5.26 19.80 -1.41
N ASN B 114 6.28 20.36 -2.05
CA ASN B 114 6.41 20.28 -3.52
C ASN B 114 6.63 18.88 -4.04
N PHE B 115 6.95 17.95 -3.13
CA PHE B 115 7.30 16.58 -3.48
C PHE B 115 6.27 15.58 -2.99
N GLN B 116 5.23 16.08 -2.34
CA GLN B 116 4.18 15.21 -1.85
C GLN B 116 3.21 14.85 -2.99
N GLY B 117 2.50 13.74 -2.82
CA GLY B 117 1.52 13.29 -3.81
C GLY B 117 2.06 12.45 -4.96
N LYS B 118 3.31 12.00 -4.83
CA LYS B 118 4.01 11.33 -5.93
C LYS B 118 4.47 9.92 -5.60
N GLY B 119 4.13 9.43 -4.40
CA GLY B 119 4.53 8.07 -4.00
C GLY B 119 5.98 7.92 -3.61
N ILE B 120 6.66 9.04 -3.38
CA ILE B 120 8.11 9.02 -3.17
C ILE B 120 8.52 8.26 -1.91
N VAL B 121 7.84 8.52 -0.79
CA VAL B 121 8.16 7.85 0.46
C VAL B 121 7.74 6.38 0.44
N THR B 122 6.57 6.09 -0.14
CA THR B 122 6.12 4.72 -0.28
C THR B 122 7.13 3.90 -1.08
N ASN B 123 7.58 4.46 -2.21
CA ASN B 123 8.58 3.77 -3.02
C ASN B 123 9.92 3.64 -2.31
N ALA B 124 10.33 4.68 -1.58
CA ALA B 124 11.55 4.61 -0.79
C ALA B 124 11.48 3.53 0.28
N ILE B 125 10.39 3.49 1.04
CA ILE B 125 10.23 2.49 2.09
C ILE B 125 10.19 1.08 1.50
N ASN B 126 9.48 0.89 0.38
CA ASN B 126 9.45 -0.42 -0.23
C ASN B 126 10.87 -0.90 -0.60
N LYS B 127 11.70 0.01 -1.12
CA LYS B 127 13.08 -0.32 -1.44
C LYS B 127 13.90 -0.68 -0.19
N LEU B 128 13.78 0.12 0.86
CA LEU B 128 14.53 -0.15 2.10
C LEU B 128 14.15 -1.48 2.73
N ILE B 129 12.86 -1.82 2.65
CA ILE B 129 12.40 -3.10 3.18
C ILE B 129 12.95 -4.26 2.36
N GLN B 130 13.01 -4.08 1.04
CA GLN B 130 13.62 -5.08 0.17
C GLN B 130 15.10 -5.25 0.54
N GLU B 131 15.84 -4.15 0.63
CA GLU B 131 17.28 -4.19 0.90
C GLU B 131 17.62 -4.79 2.26
N TYR B 132 16.97 -4.31 3.32
CA TYR B 132 17.28 -4.74 4.67
C TYR B 132 16.61 -6.06 5.05
N GLY B 133 15.47 -6.34 4.41
CA GLY B 133 14.84 -7.66 4.52
C GLY B 133 15.69 -8.73 3.86
N ASP B 134 16.11 -8.48 2.62
CA ASP B 134 16.91 -9.47 1.87
C ASP B 134 18.26 -9.79 2.51
N SER B 135 18.82 -8.80 3.21
CA SER B 135 20.12 -8.95 3.86
C SER B 135 20.06 -9.77 5.15
N GLY B 136 18.84 -9.99 5.65
CA GLY B 136 18.64 -10.73 6.92
C GLY B 136 18.79 -9.88 8.15
N VAL B 137 19.07 -8.59 7.96
CA VAL B 137 19.36 -7.69 9.07
C VAL B 137 18.11 -7.28 9.85
N ILE B 138 17.01 -7.04 9.13
CA ILE B 138 15.76 -6.57 9.74
C ILE B 138 14.62 -7.50 9.35
N LYS B 139 13.85 -7.92 10.35
CA LYS B 139 12.64 -8.71 10.14
C LYS B 139 11.38 -7.89 10.43
N ARG B 140 11.47 -6.94 11.34
CA ARG B 140 10.31 -6.17 11.78
C ARG B 140 10.55 -4.69 11.53
N PHE B 141 9.70 -4.09 10.71
CA PHE B 141 9.72 -2.67 10.42
C PHE B 141 8.54 -2.00 11.11
N VAL B 142 8.79 -0.85 11.72
CA VAL B 142 7.79 -0.19 12.56
C VAL B 142 7.62 1.27 12.15
N ILE B 143 6.36 1.71 12.03
CA ILE B 143 6.06 3.14 11.86
C ILE B 143 5.13 3.56 12.99
N LYS B 144 5.52 4.60 13.73
CA LYS B 144 4.68 5.21 14.74
C LYS B 144 4.27 6.60 14.27
N CYS B 145 2.98 6.92 14.36
CA CYS B 145 2.56 8.24 13.95
C CYS B 145 1.30 8.68 14.68
N ILE B 146 1.27 9.96 15.01
CA ILE B 146 0.13 10.54 15.70
C ILE B 146 -1.19 10.22 14.96
N VAL B 147 -2.21 9.87 15.72
CA VAL B 147 -3.47 9.41 15.15
C VAL B 147 -4.07 10.46 14.20
N ASP B 148 -3.97 11.74 14.58
CA ASP B 148 -4.48 12.85 13.79
C ASP B 148 -3.64 13.22 12.56
N ASN B 149 -2.45 12.63 12.41
CA ASN B 149 -1.62 12.91 11.25
C ASN B 149 -2.10 12.08 10.06
N LYS B 150 -2.97 12.68 9.25
CA LYS B 150 -3.68 11.95 8.20
C LYS B 150 -2.73 11.36 7.15
N LYS B 151 -1.80 12.19 6.68
CA LYS B 151 -0.90 11.75 5.60
C LYS B 151 0.09 10.71 6.07
N SER B 152 0.56 10.80 7.32
CA SER B 152 1.54 9.80 7.77
C SER B 152 0.89 8.44 7.96
N ASN B 153 -0.31 8.42 8.55
CA ASN B 153 -1.08 7.19 8.64
C ASN B 153 -1.36 6.59 7.25
N ALA B 154 -1.70 7.45 6.30
CA ALA B 154 -1.99 6.99 4.93
C ALA B 154 -0.76 6.34 4.32
N THR B 155 0.42 6.91 4.56
CA THR B 155 1.67 6.34 4.07
C THR B 155 1.96 4.96 4.68
N ALA B 156 1.83 4.84 5.99
CA ALA B 156 2.03 3.54 6.64
C ALA B 156 1.14 2.47 6.02
N LEU B 157 -0.12 2.80 5.81
CA LEU B 157 -1.08 1.87 5.24
C LEU B 157 -0.73 1.54 3.78
N ARG B 158 -0.34 2.55 3.01
CA ARG B 158 0.07 2.43 1.61
C ARG B 158 1.27 1.50 1.45
N CYS B 159 2.16 1.50 2.43
CA CYS B 159 3.34 0.64 2.46
C CYS B 159 3.05 -0.79 2.90
N GLY B 160 1.78 -1.08 3.16
CA GLY B 160 1.35 -2.44 3.54
C GLY B 160 1.64 -2.81 4.99
N PHE B 161 1.74 -1.81 5.84
CA PHE B 161 1.89 -2.04 7.28
C PHE B 161 0.54 -2.27 7.93
N THR B 162 0.52 -3.08 8.99
CA THR B 162 -0.70 -3.38 9.74
C THR B 162 -0.73 -2.61 11.06
N LEU B 163 -1.87 -2.03 11.39
CA LEU B 163 -2.07 -1.37 12.67
C LEU B 163 -2.05 -2.39 13.80
N GLU B 164 -1.13 -2.23 14.73
CA GLU B 164 -1.04 -3.14 15.88
C GLU B 164 -1.76 -2.60 17.12
N GLY B 165 -1.87 -1.28 17.23
CA GLY B 165 -2.54 -0.69 18.38
C GLY B 165 -2.35 0.79 18.46
N VAL B 166 -2.86 1.36 19.56
CA VAL B 166 -2.79 2.78 19.81
C VAL B 166 -1.96 3.00 21.08
N LEU B 167 -0.87 3.74 20.93
CA LEU B 167 0.01 4.09 22.04
C LEU B 167 -0.52 5.40 22.60
N GLN B 168 -1.13 5.32 23.78
CA GLN B 168 -1.79 6.46 24.38
C GLN B 168 -0.80 7.53 24.84
N LYS B 169 -1.08 8.78 24.45
CA LYS B 169 -0.33 9.95 24.93
C LYS B 169 1.18 9.72 24.84
N ALA B 170 1.63 9.37 23.64
CA ALA B 170 2.97 8.88 23.41
C ALA B 170 3.90 9.85 22.67
N GLU B 171 3.36 10.88 22.02
CA GLU B 171 4.21 11.82 21.29
C GLU B 171 3.86 13.26 21.60
N ILE B 172 4.86 14.03 22.03
CA ILE B 172 4.65 15.41 22.45
C ILE B 172 4.99 16.39 21.33
N LEU B 173 3.99 17.17 20.93
CA LEU B 173 4.16 18.27 19.99
C LEU B 173 3.50 19.50 20.57
N ASN B 174 4.23 20.61 20.55
CA ASN B 174 3.70 21.89 20.99
C ASN B 174 3.06 21.82 22.38
N GLY B 175 3.74 21.11 23.28
CA GLY B 175 3.32 21.00 24.67
C GLY B 175 2.18 20.04 24.99
N VAL B 176 1.73 19.27 23.99
CA VAL B 176 0.60 18.35 24.14
C VAL B 176 1.04 16.92 23.81
N SER B 177 0.63 15.96 24.65
CA SER B 177 0.85 14.53 24.38
C SER B 177 -0.28 13.98 23.54
N TYR B 178 0.09 13.40 22.39
CA TYR B 178 -0.86 12.83 21.45
C TYR B 178 -0.72 11.31 21.38
N ASP B 179 -1.85 10.63 21.16
CA ASP B 179 -1.85 9.20 20.87
C ASP B 179 -1.15 8.95 19.55
N GLN B 180 -0.42 7.84 19.48
CA GLN B 180 0.15 7.37 18.22
C GLN B 180 -0.50 6.05 17.82
N ASN B 181 -0.68 5.88 16.53
CA ASN B 181 -0.86 4.55 15.97
C ASN B 181 0.50 3.89 15.76
N ILE B 182 0.62 2.61 16.10
CA ILE B 182 1.81 1.85 15.78
C ILE B 182 1.49 0.80 14.73
N TYR B 183 2.27 0.82 13.64
CA TYR B 183 2.11 -0.07 12.50
C TYR B 183 3.36 -0.93 12.33
N SER B 184 3.20 -2.16 11.85
CA SER B 184 4.35 -2.98 11.54
C SER B 184 4.24 -3.68 10.20
N LYS B 185 5.40 -4.02 9.66
CA LYS B 185 5.48 -4.94 8.53
C LYS B 185 6.59 -5.93 8.88
N VAL B 186 6.23 -7.22 8.92
CA VAL B 186 7.15 -8.27 9.33
C VAL B 186 7.46 -9.16 8.13
N ILE B 187 8.75 -9.40 7.92
CA ILE B 187 9.27 -10.25 6.85
C ILE B 187 9.59 -11.60 7.48
#